data_1W3M
#
_entry.id   1W3M
#
_cell.length_a   33.488
_cell.length_b   36.386
_cell.length_c   37.511
_cell.angle_alpha   65.64
_cell.angle_beta   68.35
_cell.angle_gamma   69.88
#
_symmetry.space_group_name_H-M   'P 1'
#
loop_
_entity.id
_entity.type
_entity.pdbx_description
1 polymer TSUSHIMYCIN
2 non-polymer 'Delta-3isotetradecenoic acid'
3 non-polymer 'CALCIUM ION'
4 non-polymer 'CHLORIDE ION'
5 non-polymer ETHANOL
6 water water
#
_entity_poly.entity_id   1
_entity_poly.type   'polypeptide(L)'
_entity_poly.pdbx_seq_one_letter_code
;D(VLL)(CPI)(2AS)DGDG(VDL)VP
;
_entity_poly.pdbx_strand_id   A,B,C,D,E,F,G,H,I,J,K,L
#
# COMPACT_ATOMS: atom_id res chain seq x y z
N ASP A 1 12.85 -11.08 11.92
CA ASP A 1 12.41 -9.94 11.11
C ASP A 1 13.36 -8.75 11.27
N ASP A 5 9.38 -3.24 11.59
CA ASP A 5 8.03 -3.19 11.03
C ASP A 5 7.44 -4.60 10.87
N GLY A 6 8.02 -5.57 11.58
CA GLY A 6 7.47 -6.91 11.50
C GLY A 6 7.89 -7.66 10.28
N ASP A 7 7.17 -8.73 10.00
CA ASP A 7 7.50 -9.65 8.93
C ASP A 7 7.38 -8.96 7.57
N GLY A 8 8.35 -9.21 6.71
CA GLY A 8 8.35 -8.60 5.40
C GLY A 8 8.44 -7.10 5.48
N VAL A 10 9.91 -3.72 5.13
CA VAL A 10 11.33 -3.33 5.15
C VAL A 10 12.14 -4.49 5.68
N PRO A 11 13.24 -4.88 5.07
CA PRO A 11 14.00 -6.01 5.60
C PRO A 11 14.57 -5.75 6.99
N ASP B 1 -5.06 11.61 7.02
CA ASP B 1 -4.67 10.24 7.23
C ASP B 1 -5.65 9.63 8.21
N ASP B 5 -0.83 6.67 13.17
CA ASP B 5 0.46 6.00 13.02
C ASP B 5 1.32 6.63 11.96
N GLY B 6 1.02 7.83 11.56
CA GLY B 6 1.82 8.48 10.52
C GLY B 6 1.24 8.33 9.14
N ASP B 7 1.87 9.04 8.20
CA ASP B 7 1.40 9.12 6.84
C ASP B 7 1.38 7.71 6.27
N GLY B 8 0.28 7.40 5.59
CA GLY B 8 0.18 6.03 5.07
C GLY B 8 0.12 5.03 6.22
N VAL B 10 -1.21 2.34 8.47
CA VAL B 10 -2.59 2.06 8.71
C VAL B 10 -3.46 3.19 8.19
N PRO B 11 -4.51 2.93 7.45
CA PRO B 11 -5.37 4.01 7.01
C PRO B 11 -6.05 4.68 8.22
N ASP C 1 -3.98 -10.57 4.84
CA ASP C 1 -3.58 -9.71 5.89
C ASP C 1 -4.61 -8.60 6.10
N ASP C 5 -0.43 -3.16 6.81
CA ASP C 5 0.88 -3.16 7.41
C ASP C 5 1.53 -4.55 7.30
N GLY C 6 1.05 -5.37 6.37
CA GLY C 6 1.65 -6.66 6.18
C GLY C 6 1.12 -7.69 7.16
N ASP C 7 1.79 -8.83 7.15
CA ASP C 7 1.40 -9.96 7.94
C ASP C 7 1.55 -9.64 9.41
N GLY C 8 0.59 -10.08 10.19
CA GLY C 8 0.61 -9.79 11.62
C GLY C 8 0.51 -8.31 11.90
N VAL C 10 -0.88 -5.06 13.03
CA VAL C 10 -2.27 -4.67 13.13
C VAL C 10 -3.10 -5.67 12.36
N PRO C 11 -4.20 -6.17 12.88
CA PRO C 11 -5.00 -7.12 12.12
C PRO C 11 -5.59 -6.50 10.88
N ASP D 1 -4.49 3.09 -14.04
CA ASP D 1 -4.17 3.79 -15.30
C ASP D 1 -5.09 3.20 -16.36
N ASP D 5 0.05 1.11 -21.16
CA ASP D 5 1.31 1.66 -21.61
C ASP D 5 2.06 2.37 -20.48
N GLY D 6 1.77 2.06 -19.28
CA GLY D 6 2.41 2.61 -18.12
C GLY D 6 1.66 3.83 -17.57
N ASP D 7 2.24 4.32 -16.48
CA ASP D 7 1.61 5.43 -15.78
C ASP D 7 1.53 6.67 -16.70
N GLY D 8 0.37 7.32 -16.67
CA GLY D 8 0.20 8.43 -17.59
C GLY D 8 0.22 7.90 -19.01
N VAL D 10 -0.87 7.25 -22.59
CA VAL D 10 -2.21 7.08 -23.05
C VAL D 10 -3.14 6.91 -21.87
N PRO D 11 -4.31 7.52 -21.88
CA PRO D 11 -5.22 7.29 -20.74
C PRO D 11 -5.74 5.85 -20.70
N ASP E 1 -4.94 -12.38 18.12
CA ASP E 1 -4.67 -13.12 16.93
C ASP E 1 -5.67 -14.29 16.84
N ASP E 5 -0.88 -19.85 16.26
CA ASP E 5 0.38 -19.98 15.53
C ASP E 5 1.16 -18.69 15.53
N GLY E 6 0.91 -17.83 16.52
CA GLY E 6 1.63 -16.56 16.63
C GLY E 6 1.03 -15.43 15.83
N ASP E 7 1.62 -14.26 16.02
CA ASP E 7 1.12 -13.06 15.39
C ASP E 7 1.11 -13.27 13.86
N GLY E 8 0.04 -12.87 13.21
CA GLY E 8 -0.06 -13.05 11.78
C GLY E 8 -0.16 -14.56 11.48
N VAL E 10 -1.52 -17.83 10.24
CA VAL E 10 -2.91 -18.22 10.04
C VAL E 10 -3.73 -17.22 10.86
N PRO E 11 -4.85 -16.71 10.31
CA PRO E 11 -5.69 -15.79 11.09
C PRO E 11 -6.36 -16.49 12.26
N ASP F 1 15.00 13.18 0.59
CA ASP F 1 14.58 13.00 -0.77
C ASP F 1 15.50 13.85 -1.64
N ASP F 5 10.60 17.53 -5.88
CA ASP F 5 9.27 17.14 -6.32
C ASP F 5 8.55 16.30 -5.25
N GLY F 6 9.04 16.35 -4.02
CA GLY F 6 8.30 15.59 -3.01
C GLY F 6 8.89 14.22 -2.83
N ASP F 7 8.29 13.51 -1.85
CA ASP F 7 8.80 12.19 -1.50
C ASP F 7 8.69 11.27 -2.68
N GLY F 8 9.68 10.45 -2.93
CA GLY F 8 9.67 9.57 -4.07
C GLY F 8 9.70 10.39 -5.32
N VAL F 10 10.92 11.70 -8.62
CA VAL F 10 12.32 11.85 -9.00
C VAL F 10 13.18 11.71 -7.76
N PRO F 11 14.23 10.91 -7.81
CA PRO F 11 15.14 10.87 -6.65
C PRO F 11 15.80 12.21 -6.38
N ASP G 1 -4.97 2.24 -0.38
CA ASP G 1 -4.58 3.63 -0.45
C ASP G 1 -5.43 4.29 -1.50
N ASP G 5 -0.28 7.08 -6.00
CA ASP G 5 1.02 7.63 -5.73
C ASP G 5 1.72 6.93 -4.58
N GLY G 6 1.32 5.71 -4.27
CA GLY G 6 1.96 4.95 -3.19
C GLY G 6 1.31 5.16 -1.85
N ASP G 7 1.85 4.41 -0.90
CA ASP G 7 1.32 4.41 0.45
C ASP G 7 1.39 5.83 1.01
N GLY G 8 0.33 6.24 1.66
CA GLY G 8 0.30 7.60 2.16
C GLY G 8 0.31 8.61 0.99
N VAL G 10 -0.67 11.37 -1.29
CA VAL G 10 -2.02 11.76 -1.61
C VAL G 10 -2.96 10.65 -1.16
N PRO G 11 -4.03 11.00 -0.50
CA PRO G 11 -5.02 9.95 -0.10
C PRO G 11 -5.66 9.34 -1.34
N ASP H 1 -13.55 -8.19 1.88
N ASP H 1 -13.87 -7.58 1.25
CA ASP H 1 -13.78 -6.74 2.13
CA ASP H 1 -14.41 -6.82 2.38
C ASP H 1 -12.86 -6.36 3.30
C ASP H 1 -13.35 -6.46 3.44
N ASP H 5 -17.70 -4.22 8.36
CA ASP H 5 -19.00 -3.60 8.20
C ASP H 5 -19.72 -4.04 6.94
N GLY H 6 -19.29 -5.17 6.40
CA GLY H 6 -19.91 -5.70 5.20
C GLY H 6 -19.29 -5.19 3.92
N ASP H 7 -19.85 -5.65 2.82
CA ASP H 7 -19.34 -5.31 1.51
C ASP H 7 -19.42 -3.82 1.33
N GLY H 8 -18.40 -3.22 0.73
CA GLY H 8 -18.39 -1.79 0.54
C GLY H 8 -18.36 -1.09 1.87
N VAL H 10 -17.10 1.07 4.70
CA VAL H 10 -15.72 1.30 5.05
C VAL H 10 -14.88 0.24 4.36
N PRO H 11 -13.79 0.60 3.72
CA PRO H 11 -12.99 -0.41 3.04
C PRO H 11 -12.34 -1.37 4.04
N ASP I 1 -12.81 3.38 -3.75
CA ASP I 1 -13.15 2.00 -4.06
C ASP I 1 -12.17 1.50 -5.14
N ASP I 5 -16.91 -0.26 -10.41
CA ASP I 5 -18.26 -0.77 -10.38
C ASP I 5 -18.98 -0.28 -9.14
N GLY I 6 -18.60 0.88 -8.58
CA GLY I 6 -19.29 1.44 -7.43
C GLY I 6 -18.80 0.80 -6.12
N ASP I 7 -19.47 1.23 -5.06
CA ASP I 7 -19.09 0.89 -3.70
C ASP I 7 -19.16 -0.62 -3.48
N GLY I 8 -18.13 -1.20 -2.87
CA GLY I 8 -18.14 -2.66 -2.68
C GLY I 8 -18.05 -3.34 -4.01
N VAL I 10 -16.75 -5.52 -6.79
CA VAL I 10 -15.39 -5.82 -7.06
C VAL I 10 -14.52 -4.82 -6.32
N PRO I 11 -13.44 -5.29 -5.66
CA PRO I 11 -12.54 -4.36 -4.97
C PRO I 11 -11.81 -3.44 -5.98
N ASP J 1 14.57 2.83 -6.39
CA ASP J 1 14.21 3.13 -5.02
C ASP J 1 15.03 2.24 -4.12
N ASP J 5 9.59 -0.86 -0.01
CA ASP J 5 8.34 -0.34 0.58
C ASP J 5 7.62 0.61 -0.41
N GLY J 6 7.95 0.52 -1.67
CA GLY J 6 7.34 1.35 -2.70
C GLY J 6 8.18 2.62 -2.94
N ASP J 7 7.70 3.36 -3.92
CA ASP J 7 8.32 4.60 -4.33
C ASP J 7 8.38 5.54 -3.14
N GLY J 8 9.54 6.20 -2.98
CA GLY J 8 9.68 7.10 -1.82
C GLY J 8 9.62 6.28 -0.54
N VAL J 10 10.59 4.80 2.77
CA VAL J 10 11.95 4.50 3.17
C VAL J 10 12.86 4.51 1.96
N PRO J 11 14.04 5.09 2.08
CA PRO J 11 14.98 5.11 0.96
C PRO J 11 15.50 3.71 0.65
N ASP K 1 13.60 -9.84 -1.75
CA ASP K 1 13.34 -10.84 -0.71
C ASP K 1 14.25 -12.01 -0.94
N ASP K 5 9.13 -17.31 -1.56
CA ASP K 5 7.92 -17.57 -0.88
C ASP K 5 7.14 -16.29 -0.58
N GLY K 6 7.45 -15.19 -1.22
CA GLY K 6 6.75 -13.95 -1.00
C GLY K 6 7.48 -13.05 -0.01
N ASP K 7 6.93 -11.86 0.10
CA ASP K 7 7.51 -10.84 0.99
C ASP K 7 7.60 -11.37 2.42
N GLY K 8 8.73 -11.15 3.05
CA GLY K 8 8.93 -11.73 4.37
C GLY K 8 8.91 -13.23 4.34
N VAL K 10 10.04 -16.79 4.74
CA VAL K 10 11.43 -17.28 4.76
C VAL K 10 12.32 -16.17 4.20
N PRO K 11 13.48 -15.93 4.78
CA PRO K 11 14.39 -14.92 4.24
C PRO K 11 14.91 -15.33 2.88
N ASP L 1 -3.58 16.30 -18.87
CA ASP L 1 -3.11 15.88 -17.56
C ASP L 1 -4.18 16.09 -16.49
N ASP L 5 0.20 17.67 -11.30
CA ASP L 5 1.50 17.05 -11.08
C ASP L 5 2.06 16.44 -12.35
N GLY L 6 1.55 16.93 -13.48
CA GLY L 6 2.00 16.50 -14.79
C GLY L 6 1.35 15.17 -15.18
N ASP L 7 1.90 14.62 -16.24
CA ASP L 7 1.44 13.42 -16.89
C ASP L 7 1.64 12.24 -15.95
N GLY L 8 0.62 11.44 -15.77
CA GLY L 8 0.72 10.33 -14.83
C GLY L 8 0.64 10.82 -13.41
N VAL L 10 -0.80 11.43 -10.00
CA VAL L 10 -2.21 11.56 -9.63
C VAL L 10 -2.99 11.84 -10.91
N PRO L 11 -4.09 11.13 -11.18
CA PRO L 11 -4.83 11.42 -12.42
C PRO L 11 -5.36 12.86 -12.42
#